data_5ECS
#
_entry.id   5ECS
#
_cell.length_a   90.383
_cell.length_b   58.893
_cell.length_c   97.900
_cell.angle_alpha   90.000
_cell.angle_beta   100.500
_cell.angle_gamma   90.000
#
_symmetry.space_group_name_H-M   'C 1 2 1'
#
loop_
_entity.id
_entity.type
_entity.pdbx_description
1 polymer 'Glutathione S-transferase U20'
2 non-polymer GLUTATHIONE
3 water water
#
_entity_poly.entity_id   1
_entity_poly.type   'polypeptide(L)'
_entity_poly.pdbx_seq_one_letter_code
;HHHHHHMANLPILLDYWPSMFGMRARVALREKGVEFEYREEDFSNKSPLLLQSNPIHKKIPVLVHNGKPVCESLNVVQYV
DEAWPEKNPFFPSDPYGRAQARFWADFVDKKFTDAQFKVWGKKGEEQEAGKKEFIEAVKILESELGDKPYFGGDSFGYVD
ISLITFSSWFQAYEKFGNFSIESESPKLIAWAKRCMEKESVSKSLPDSEKIVAYAAEYRKNNL
;
_entity_poly.pdbx_strand_id   A,B
#
loop_
_chem_comp.id
_chem_comp.type
_chem_comp.name
_chem_comp.formula
GSH non-polymer GLUTATHIONE 'C10 H17 N3 O6 S'
#
# COMPACT_ATOMS: atom_id res chain seq x y z
N LEU A 10 -21.72 4.31 -34.50
CA LEU A 10 -21.46 3.26 -33.53
C LEU A 10 -22.28 3.45 -32.26
N PRO A 11 -22.49 2.37 -31.49
CA PRO A 11 -23.04 2.54 -30.14
C PRO A 11 -22.14 3.48 -29.34
N ILE A 12 -22.76 4.33 -28.54
CA ILE A 12 -22.04 5.30 -27.75
C ILE A 12 -22.06 4.84 -26.30
N LEU A 13 -20.89 4.73 -25.69
CA LEU A 13 -20.80 4.40 -24.28
C LEU A 13 -20.39 5.60 -23.45
N LEU A 14 -21.31 6.08 -22.62
CA LEU A 14 -21.02 7.18 -21.69
C LEU A 14 -20.47 6.55 -20.42
N ASP A 15 -19.29 7.01 -19.99
CA ASP A 15 -18.54 6.23 -19.01
C ASP A 15 -17.65 7.17 -18.19
N TYR A 16 -16.91 6.59 -17.26
CA TYR A 16 -16.00 7.35 -16.38
C TYR A 16 -14.83 6.44 -16.10
N TRP A 17 -13.61 6.89 -16.36
CA TRP A 17 -12.51 5.93 -16.55
C TRP A 17 -12.27 4.98 -15.35
N PRO A 18 -12.39 5.46 -14.08
CA PRO A 18 -12.05 4.51 -13.02
C PRO A 18 -13.25 3.66 -12.55
N SER A 19 -14.40 3.81 -13.21
CA SER A 19 -15.61 3.12 -12.75
C SER A 19 -15.58 1.62 -13.03
N MET A 20 -15.60 0.83 -11.96
CA MET A 20 -15.66 -0.63 -12.10
C MET A 20 -16.98 -1.02 -12.73
N PHE A 21 -17.96 -0.13 -12.69
CA PHE A 21 -19.24 -0.43 -13.32
C PHE A 21 -19.21 -0.16 -14.82
N GLY A 22 -18.77 1.03 -15.22
CA GLY A 22 -18.59 1.30 -16.64
C GLY A 22 -17.66 0.32 -17.33
N MET A 23 -16.61 -0.09 -16.63
CA MET A 23 -15.69 -1.07 -17.19
C MET A 23 -16.40 -2.35 -17.62
N ARG A 24 -17.50 -2.70 -16.96
CA ARG A 24 -18.23 -3.91 -17.32
C ARG A 24 -18.75 -3.80 -18.75
N ALA A 25 -19.21 -2.60 -19.11
CA ALA A 25 -19.69 -2.38 -20.48
C ALA A 25 -18.56 -2.42 -21.50
N ARG A 26 -17.42 -1.82 -21.15
CA ARG A 26 -16.22 -1.88 -21.99
C ARG A 26 -15.85 -3.34 -22.27
N VAL A 27 -15.82 -4.14 -21.22
CA VAL A 27 -15.41 -5.54 -21.35
C VAL A 27 -16.45 -6.30 -22.20
N ALA A 28 -17.72 -6.07 -21.93
CA ALA A 28 -18.79 -6.75 -22.63
C ALA A 28 -18.73 -6.48 -24.13
N LEU A 29 -18.60 -5.20 -24.48
CA LEU A 29 -18.55 -4.84 -25.89
C LEU A 29 -17.32 -5.45 -26.56
N ARG A 30 -16.17 -5.39 -25.91
CA ARG A 30 -14.98 -5.96 -26.52
C ARG A 30 -15.04 -7.48 -26.62
N GLU A 31 -15.69 -8.13 -25.66
CA GLU A 31 -15.78 -9.59 -25.69
C GLU A 31 -16.65 -10.04 -26.86
N LYS A 32 -17.61 -9.19 -27.25
CA LYS A 32 -18.43 -9.40 -28.46
C LYS A 32 -17.80 -8.97 -29.79
N GLY A 33 -16.72 -8.22 -29.72
CA GLY A 33 -16.07 -7.70 -30.90
C GLY A 33 -16.82 -6.50 -31.46
N VAL A 34 -17.65 -5.90 -30.62
CA VAL A 34 -18.45 -4.75 -31.05
C VAL A 34 -17.66 -3.45 -30.94
N GLU A 35 -17.59 -2.72 -32.04
CA GLU A 35 -16.94 -1.42 -32.06
C GLU A 35 -17.86 -0.39 -31.42
N PHE A 36 -17.29 0.49 -30.61
CA PHE A 36 -18.11 1.48 -29.93
C PHE A 36 -17.36 2.80 -29.77
N GLU A 37 -18.10 3.88 -29.53
CA GLU A 37 -17.48 5.16 -29.24
C GLU A 37 -17.51 5.42 -27.74
N TYR A 38 -16.34 5.51 -27.12
CA TYR A 38 -16.23 5.79 -25.69
C TYR A 38 -16.27 7.29 -25.48
N ARG A 39 -17.12 7.73 -24.55
CA ARG A 39 -17.13 9.13 -24.12
C ARG A 39 -16.94 9.27 -22.63
N GLU A 40 -15.95 10.07 -22.26
CA GLU A 40 -15.64 10.33 -20.86
C GLU A 40 -16.53 11.43 -20.29
N GLU A 41 -17.34 11.09 -19.29
CA GLU A 41 -18.24 12.05 -18.69
C GLU A 41 -17.57 12.80 -17.54
N ASP A 42 -17.87 14.10 -17.46
CA ASP A 42 -17.45 14.92 -16.33
C ASP A 42 -18.65 15.04 -15.39
N PHE A 43 -18.60 14.45 -14.19
CA PHE A 43 -19.77 14.45 -13.33
C PHE A 43 -20.15 15.85 -12.85
N SER A 44 -19.19 16.77 -12.87
CA SER A 44 -19.47 18.15 -12.50
C SER A 44 -20.18 18.87 -13.63
N ASN A 45 -20.20 18.25 -14.80
CA ASN A 45 -20.70 18.90 -16.01
C ASN A 45 -21.23 17.83 -16.95
N LYS A 46 -22.24 17.10 -16.48
CA LYS A 46 -22.74 15.96 -17.22
C LYS A 46 -23.29 16.37 -18.58
N SER A 47 -23.08 15.54 -19.58
CA SER A 47 -23.44 15.91 -20.95
C SER A 47 -24.95 15.93 -21.13
N PRO A 48 -25.45 16.74 -22.08
CA PRO A 48 -26.86 16.68 -22.44
C PRO A 48 -27.31 15.26 -22.77
N LEU A 49 -26.47 14.49 -23.46
CA LEU A 49 -26.83 13.13 -23.84
C LEU A 49 -26.97 12.24 -22.61
N LEU A 50 -26.08 12.39 -21.64
CA LEU A 50 -26.25 11.61 -20.40
C LEU A 50 -27.52 12.00 -19.64
N LEU A 51 -27.78 13.31 -19.49
CA LEU A 51 -28.95 13.77 -18.76
C LEU A 51 -30.26 13.39 -19.46
N GLN A 52 -30.22 13.39 -20.79
CA GLN A 52 -31.38 13.00 -21.60
C GLN A 52 -31.59 11.49 -21.54
N SER A 53 -30.48 10.74 -21.52
CA SER A 53 -30.54 9.27 -21.62
C SER A 53 -30.85 8.58 -20.30
N ASN A 54 -30.34 9.13 -19.21
CA ASN A 54 -30.51 8.56 -17.87
C ASN A 54 -31.02 9.62 -16.90
N PRO A 55 -32.23 10.12 -17.14
CA PRO A 55 -32.73 11.24 -16.33
C PRO A 55 -33.02 10.84 -14.88
N ILE A 56 -33.30 9.56 -14.65
CA ILE A 56 -33.62 9.09 -13.32
C ILE A 56 -32.39 9.03 -12.39
N HIS A 57 -31.33 8.38 -12.85
CA HIS A 57 -30.15 8.16 -12.01
C HIS A 57 -28.99 9.10 -12.35
N LYS A 58 -28.95 9.55 -13.60
CA LYS A 58 -27.88 10.42 -14.10
C LYS A 58 -26.48 9.80 -13.88
N LYS A 59 -26.41 8.49 -14.00
CA LYS A 59 -25.21 7.70 -13.75
C LYS A 59 -24.66 7.09 -15.02
N ILE A 60 -23.38 6.73 -14.99
CA ILE A 60 -22.80 5.91 -16.04
C ILE A 60 -22.64 4.47 -15.51
N PRO A 61 -22.51 3.48 -16.39
CA PRO A 61 -22.50 3.56 -17.86
C PRO A 61 -23.89 3.75 -18.47
N VAL A 62 -23.93 4.38 -19.63
CA VAL A 62 -25.13 4.37 -20.47
C VAL A 62 -24.64 3.94 -21.84
N LEU A 63 -25.33 2.96 -22.45
CA LEU A 63 -25.06 2.61 -23.84
C LEU A 63 -26.19 3.16 -24.69
N VAL A 64 -25.85 4.01 -25.66
CA VAL A 64 -26.85 4.50 -26.58
C VAL A 64 -26.68 3.78 -27.90
N HIS A 65 -27.70 3.01 -28.28
CA HIS A 65 -27.61 2.11 -29.41
C HIS A 65 -28.87 2.25 -30.25
N ASN A 66 -28.68 2.59 -31.52
CA ASN A 66 -29.77 2.82 -32.45
C ASN A 66 -30.81 3.75 -31.87
N GLY A 67 -30.32 4.79 -31.18
CA GLY A 67 -31.17 5.84 -30.66
C GLY A 67 -31.80 5.56 -29.32
N LYS A 68 -31.49 4.41 -28.74
CA LYS A 68 -32.11 4.01 -27.48
C LYS A 68 -31.08 3.85 -26.38
N PRO A 69 -31.32 4.44 -25.21
CA PRO A 69 -30.37 4.36 -24.10
C PRO A 69 -30.60 3.12 -23.24
N VAL A 70 -29.51 2.46 -22.87
CA VAL A 70 -29.55 1.34 -21.92
C VAL A 70 -28.73 1.74 -20.69
N CYS A 71 -29.36 1.69 -19.51
CA CYS A 71 -28.75 2.16 -18.26
C CYS A 71 -28.59 1.01 -17.28
N GLU A 72 -27.63 1.17 -16.35
CA GLU A 72 -27.24 0.20 -15.30
C GLU A 72 -26.29 -0.85 -15.87
N SER A 73 -25.13 -1.02 -15.23
CA SER A 73 -24.05 -1.76 -15.87
C SER A 73 -24.40 -3.23 -16.17
N LEU A 74 -25.07 -3.93 -15.26
CA LEU A 74 -25.38 -5.34 -15.56
C LEU A 74 -26.47 -5.40 -16.65
N ASN A 75 -27.35 -4.40 -16.65
CA ASN A 75 -28.39 -4.31 -17.67
C ASN A 75 -27.73 -4.12 -19.04
N VAL A 76 -26.72 -3.26 -19.09
CA VAL A 76 -25.98 -3.05 -20.33
C VAL A 76 -25.30 -4.34 -20.77
N VAL A 77 -24.71 -5.08 -19.84
CA VAL A 77 -24.01 -6.32 -20.18
C VAL A 77 -25.00 -7.33 -20.76
N GLN A 78 -26.16 -7.47 -20.12
CA GLN A 78 -27.19 -8.34 -20.66
C GLN A 78 -27.70 -7.90 -22.02
N TYR A 79 -27.87 -6.59 -22.18
CA TYR A 79 -28.30 -6.02 -23.47
C TYR A 79 -27.30 -6.36 -24.56
N VAL A 80 -26.02 -6.21 -24.27
CA VAL A 80 -24.99 -6.52 -25.26
C VAL A 80 -25.09 -8.00 -25.67
N ASP A 81 -25.32 -8.88 -24.70
CA ASP A 81 -25.46 -10.30 -24.99
C ASP A 81 -26.64 -10.57 -25.91
N GLU A 82 -27.75 -9.87 -25.67
CA GLU A 82 -28.98 -10.12 -26.43
C GLU A 82 -28.97 -9.44 -27.81
N ALA A 83 -28.32 -8.28 -27.91
CA ALA A 83 -28.29 -7.52 -29.15
C ALA A 83 -27.27 -8.09 -30.13
N TRP A 84 -26.26 -8.75 -29.60
CA TRP A 84 -25.24 -9.42 -30.42
C TRP A 84 -25.09 -10.87 -29.95
N PRO A 85 -26.13 -11.68 -30.21
CA PRO A 85 -26.29 -13.02 -29.61
C PRO A 85 -25.62 -14.15 -30.41
N GLU A 86 -25.14 -13.85 -31.61
CA GLU A 86 -24.70 -14.91 -32.50
C GLU A 86 -23.28 -15.40 -32.22
N LYS A 87 -22.60 -14.75 -31.29
CA LYS A 87 -21.23 -15.08 -30.94
C LYS A 87 -20.87 -14.74 -29.50
N ASN A 88 -19.87 -15.44 -28.95
CA ASN A 88 -19.45 -15.28 -27.56
C ASN A 88 -20.59 -15.05 -26.56
N PRO A 89 -21.45 -16.06 -26.40
CA PRO A 89 -22.58 -15.91 -25.47
C PRO A 89 -22.08 -15.74 -24.05
N PHE A 90 -22.72 -14.84 -23.30
CA PHE A 90 -22.30 -14.59 -21.94
C PHE A 90 -22.94 -15.56 -20.94
N PHE A 91 -24.00 -16.26 -21.36
CA PHE A 91 -24.78 -17.10 -20.45
C PHE A 91 -24.85 -18.52 -20.98
N PRO A 92 -25.03 -19.49 -20.07
CA PRO A 92 -25.38 -20.82 -20.55
C PRO A 92 -26.76 -20.82 -21.20
N SER A 93 -27.11 -21.89 -21.89
CA SER A 93 -28.39 -21.93 -22.59
C SER A 93 -29.57 -22.27 -21.70
N ASP A 94 -29.32 -22.91 -20.56
CA ASP A 94 -30.41 -23.41 -19.72
C ASP A 94 -30.88 -22.40 -18.67
N PRO A 95 -32.18 -22.45 -18.32
CA PRO A 95 -32.74 -21.52 -17.32
C PRO A 95 -32.02 -21.54 -15.97
N TYR A 96 -31.69 -22.73 -15.47
CA TYR A 96 -31.03 -22.77 -14.18
C TYR A 96 -29.64 -22.11 -14.21
N GLY A 97 -28.83 -22.45 -15.19
CA GLY A 97 -27.51 -21.83 -15.29
C GLY A 97 -27.61 -20.32 -15.46
N ARG A 98 -28.64 -19.86 -16.16
CA ARG A 98 -28.82 -18.41 -16.34
C ARG A 98 -29.20 -17.77 -15.01
N ALA A 99 -30.04 -18.44 -14.23
CA ALA A 99 -30.41 -17.93 -12.91
C ALA A 99 -29.22 -17.93 -11.95
N GLN A 100 -28.36 -18.93 -12.06
CA GLN A 100 -27.14 -18.95 -11.26
C GLN A 100 -26.28 -17.76 -11.58
N ALA A 101 -26.13 -17.48 -12.87
CA ALA A 101 -25.27 -16.38 -13.31
C ALA A 101 -25.84 -15.07 -12.82
N ARG A 102 -27.16 -14.91 -12.91
CA ARG A 102 -27.77 -13.68 -12.42
C ARG A 102 -27.58 -13.51 -10.91
N PHE A 103 -27.72 -14.62 -10.19
CA PHE A 103 -27.57 -14.59 -8.74
C PHE A 103 -26.19 -14.12 -8.33
N TRP A 104 -25.18 -14.68 -8.97
CA TRP A 104 -23.82 -14.36 -8.55
C TRP A 104 -23.41 -12.95 -8.96
N ALA A 105 -23.87 -12.48 -10.12
CA ALA A 105 -23.58 -11.10 -10.46
C ALA A 105 -24.26 -10.15 -9.46
N ASP A 106 -25.47 -10.52 -9.02
CA ASP A 106 -26.19 -9.74 -8.01
C ASP A 106 -25.40 -9.71 -6.70
N PHE A 107 -24.82 -10.85 -6.33
CA PHE A 107 -24.00 -10.92 -5.12
C PHE A 107 -22.81 -9.97 -5.24
N VAL A 108 -22.21 -9.92 -6.43
CA VAL A 108 -21.10 -8.99 -6.64
C VAL A 108 -21.57 -7.54 -6.50
N ASP A 109 -22.75 -7.23 -7.06
CA ASP A 109 -23.31 -5.88 -7.04
C ASP A 109 -23.70 -5.42 -5.64
N LYS A 110 -23.95 -6.39 -4.76
CA LYS A 110 -24.42 -6.06 -3.42
C LYS A 110 -23.33 -6.23 -2.38
N LYS A 111 -23.13 -7.47 -1.91
CA LYS A 111 -22.18 -7.72 -0.84
C LYS A 111 -20.76 -7.32 -1.19
N PHE A 112 -20.27 -7.76 -2.35
CA PHE A 112 -18.89 -7.42 -2.70
C PHE A 112 -18.70 -5.91 -2.87
N THR A 113 -19.60 -5.28 -3.63
CA THR A 113 -19.54 -3.85 -3.88
C THR A 113 -19.58 -3.04 -2.59
N ASP A 114 -20.47 -3.43 -1.68
CA ASP A 114 -20.57 -2.72 -0.40
C ASP A 114 -19.28 -2.83 0.41
N ALA A 115 -18.73 -4.05 0.47
CA ALA A 115 -17.53 -4.29 1.27
C ALA A 115 -16.33 -3.54 0.70
N GLN A 116 -16.13 -3.63 -0.61
CA GLN A 116 -14.94 -3.02 -1.17
C GLN A 116 -14.96 -1.51 -1.00
N PHE A 117 -16.13 -0.89 -1.07
CA PHE A 117 -16.14 0.56 -0.89
C PHE A 117 -15.69 0.98 0.51
N LYS A 118 -16.07 0.19 1.51
CA LYS A 118 -15.63 0.46 2.87
C LYS A 118 -14.10 0.36 3.01
N VAL A 119 -13.50 -0.57 2.27
CA VAL A 119 -12.04 -0.75 2.35
C VAL A 119 -11.27 0.47 1.84
N TRP A 120 -11.64 1.00 0.67
CA TRP A 120 -10.89 2.14 0.14
C TRP A 120 -11.54 3.49 0.45
N GLY A 121 -12.80 3.48 0.86
CA GLY A 121 -13.53 4.73 1.03
C GLY A 121 -13.77 5.16 2.46
N LYS A 122 -13.36 4.33 3.41
CA LYS A 122 -13.61 4.60 4.82
C LYS A 122 -12.35 4.46 5.65
N LYS A 123 -12.41 4.91 6.90
CA LYS A 123 -11.31 4.73 7.83
C LYS A 123 -11.86 4.17 9.13
N GLY A 124 -10.98 3.90 10.08
CA GLY A 124 -11.41 3.50 11.41
C GLY A 124 -12.16 2.18 11.43
N GLU A 125 -13.13 2.09 12.33
CA GLU A 125 -13.85 0.84 12.57
C GLU A 125 -14.66 0.40 11.36
N GLU A 126 -15.20 1.37 10.62
CA GLU A 126 -16.02 1.01 9.47
C GLU A 126 -15.15 0.38 8.41
N GLN A 127 -13.93 0.90 8.25
CA GLN A 127 -12.99 0.32 7.28
C GLN A 127 -12.61 -1.08 7.72
N GLU A 128 -12.41 -1.27 9.02
CA GLU A 128 -12.03 -2.58 9.54
C GLU A 128 -13.15 -3.58 9.32
N ALA A 129 -14.38 -3.14 9.55
CA ALA A 129 -15.55 -3.97 9.28
C ALA A 129 -15.61 -4.33 7.80
N GLY A 130 -15.38 -3.33 6.96
CA GLY A 130 -15.42 -3.53 5.52
C GLY A 130 -14.37 -4.53 5.09
N LYS A 131 -13.20 -4.45 5.70
CA LYS A 131 -12.14 -5.37 5.34
C LYS A 131 -12.53 -6.81 5.71
N LYS A 132 -13.15 -6.98 6.87
CA LYS A 132 -13.62 -8.32 7.26
C LYS A 132 -14.69 -8.82 6.30
N GLU A 133 -15.61 -7.93 5.93
CA GLU A 133 -16.70 -8.30 5.01
C GLU A 133 -16.15 -8.59 3.61
N PHE A 134 -15.13 -7.85 3.22
CA PHE A 134 -14.48 -8.05 1.92
C PHE A 134 -13.85 -9.43 1.86
N ILE A 135 -13.16 -9.79 2.93
CA ILE A 135 -12.50 -11.08 2.96
C ILE A 135 -13.52 -12.21 2.95
N GLU A 136 -14.60 -12.05 3.69
CA GLU A 136 -15.71 -13.02 3.63
C GLU A 136 -16.26 -13.16 2.20
N ALA A 137 -16.41 -12.04 1.51
CA ALA A 137 -17.00 -12.08 0.17
C ALA A 137 -16.07 -12.79 -0.81
N VAL A 138 -14.79 -12.52 -0.68
CA VAL A 138 -13.79 -13.07 -1.55
C VAL A 138 -13.67 -14.59 -1.29
N LYS A 139 -13.86 -15.01 -0.04
CA LYS A 139 -13.85 -16.45 0.25
C LYS A 139 -15.10 -17.15 -0.31
N ILE A 140 -16.24 -16.49 -0.25
CA ILE A 140 -17.46 -17.01 -0.84
C ILE A 140 -17.29 -17.15 -2.36
N LEU A 141 -16.73 -16.12 -3.00
CA LEU A 141 -16.53 -16.18 -4.44
C LEU A 141 -15.50 -17.25 -4.82
N GLU A 142 -14.45 -17.38 -4.01
CA GLU A 142 -13.45 -18.44 -4.18
C GLU A 142 -14.11 -19.82 -4.20
N SER A 143 -15.01 -20.03 -3.25
CA SER A 143 -15.73 -21.28 -3.15
C SER A 143 -16.61 -21.53 -4.37
N GLU A 144 -17.26 -20.49 -4.88
CA GLU A 144 -18.13 -20.63 -6.06
C GLU A 144 -17.31 -20.94 -7.33
N LEU A 145 -16.18 -20.26 -7.49
CA LEU A 145 -15.28 -20.49 -8.62
C LEU A 145 -14.78 -21.94 -8.60
N GLY A 146 -14.43 -22.39 -7.39
CA GLY A 146 -13.87 -23.72 -7.22
C GLY A 146 -12.63 -23.89 -8.05
N ASP A 147 -12.54 -24.99 -8.78
CA ASP A 147 -11.38 -25.26 -9.63
C ASP A 147 -11.64 -24.99 -11.10
N LYS A 148 -12.75 -24.33 -11.40
CA LYS A 148 -13.05 -23.95 -12.78
C LYS A 148 -12.18 -22.77 -13.21
N PRO A 149 -11.88 -22.71 -14.51
CA PRO A 149 -11.06 -21.57 -14.98
C PRO A 149 -11.82 -20.24 -14.88
N TYR A 150 -13.12 -20.27 -15.09
CA TYR A 150 -13.94 -19.06 -15.03
C TYR A 150 -15.20 -19.28 -14.20
N PHE A 151 -15.80 -18.19 -13.73
CA PHE A 151 -17.09 -18.30 -13.07
C PHE A 151 -18.12 -18.89 -14.02
N GLY A 152 -17.97 -18.62 -15.32
CA GLY A 152 -18.87 -19.13 -16.33
C GLY A 152 -18.57 -20.57 -16.70
N GLY A 153 -17.56 -21.15 -16.05
CA GLY A 153 -17.16 -22.53 -16.29
C GLY A 153 -15.92 -22.66 -17.16
N ASP A 154 -16.06 -23.37 -18.28
CA ASP A 154 -14.96 -23.52 -19.22
C ASP A 154 -14.73 -22.26 -20.05
N SER A 155 -15.71 -21.36 -20.05
CA SER A 155 -15.60 -20.13 -20.81
C SER A 155 -15.96 -18.93 -19.93
N PHE A 156 -15.29 -17.82 -20.24
CA PHE A 156 -15.53 -16.51 -19.64
C PHE A 156 -16.95 -16.04 -19.93
N GLY A 157 -17.70 -15.66 -18.91
CA GLY A 157 -19.08 -15.28 -19.11
C GLY A 157 -19.53 -14.16 -18.19
N TYR A 158 -20.86 -14.07 -18.03
CA TYR A 158 -21.49 -12.95 -17.33
C TYR A 158 -20.92 -12.65 -15.96
N VAL A 159 -20.79 -13.67 -15.12
CA VAL A 159 -20.31 -13.42 -13.78
C VAL A 159 -18.84 -12.96 -13.84
N ASP A 160 -18.06 -13.53 -14.74
CA ASP A 160 -16.69 -13.05 -14.91
C ASP A 160 -16.64 -11.56 -15.26
N ILE A 161 -17.51 -11.13 -16.17
CA ILE A 161 -17.57 -9.73 -16.54
C ILE A 161 -17.96 -8.89 -15.32
N SER A 162 -18.92 -9.39 -14.54
CA SER A 162 -19.41 -8.58 -13.41
C SER A 162 -18.34 -8.30 -12.37
N LEU A 163 -17.40 -9.24 -12.21
CA LEU A 163 -16.41 -9.15 -11.14
C LEU A 163 -15.02 -8.72 -11.60
N ILE A 164 -14.64 -9.07 -12.84
CA ILE A 164 -13.23 -8.86 -13.23
C ILE A 164 -12.86 -7.39 -13.23
N THR A 165 -13.82 -6.50 -13.47
CA THR A 165 -13.49 -5.08 -13.50
C THR A 165 -12.96 -4.59 -12.14
N PHE A 166 -13.39 -5.22 -11.04
CA PHE A 166 -12.92 -4.84 -9.72
C PHE A 166 -11.45 -5.21 -9.52
N SER A 167 -10.92 -6.11 -10.34
CA SER A 167 -9.51 -6.48 -10.15
C SER A 167 -8.56 -5.32 -10.43
N SER A 168 -9.01 -4.32 -11.20
CA SER A 168 -8.21 -3.12 -11.44
C SER A 168 -8.09 -2.30 -10.15
N TRP A 169 -8.99 -2.57 -9.20
CA TRP A 169 -8.97 -1.91 -7.90
C TRP A 169 -8.26 -2.74 -6.81
N PHE A 170 -7.80 -3.95 -7.15
CA PHE A 170 -7.24 -4.82 -6.13
C PHE A 170 -6.01 -4.18 -5.49
N GLN A 171 -5.18 -3.51 -6.28
CA GLN A 171 -3.97 -2.89 -5.70
C GLN A 171 -4.38 -1.85 -4.66
N ALA A 172 -5.41 -1.08 -4.98
CA ALA A 172 -5.92 -0.08 -4.04
C ALA A 172 -6.50 -0.72 -2.76
N TYR A 173 -7.22 -1.83 -2.92
CA TYR A 173 -7.75 -2.56 -1.77
C TYR A 173 -6.62 -3.02 -0.87
N GLU A 174 -5.59 -3.58 -1.49
CA GLU A 174 -4.46 -4.10 -0.71
C GLU A 174 -3.68 -2.99 -0.04
N LYS A 175 -3.65 -1.82 -0.66
CA LYS A 175 -2.87 -0.71 -0.11
C LYS A 175 -3.56 -0.12 1.12
N PHE A 176 -4.81 0.25 0.96
CA PHE A 176 -5.48 0.93 2.06
C PHE A 176 -6.00 -0.03 3.12
N GLY A 177 -6.19 -1.29 2.73
CA GLY A 177 -6.53 -2.35 3.67
C GLY A 177 -5.30 -3.03 4.25
N ASN A 178 -4.13 -2.71 3.70
CA ASN A 178 -2.84 -3.27 4.14
C ASN A 178 -2.88 -4.77 4.31
N PHE A 179 -3.18 -5.47 3.22
CA PHE A 179 -3.32 -6.92 3.27
C PHE A 179 -3.15 -7.50 1.90
N SER A 180 -3.10 -8.83 1.86
CA SER A 180 -2.89 -9.56 0.62
C SER A 180 -4.13 -10.36 0.27
N ILE A 181 -4.74 -10.05 -0.87
CA ILE A 181 -5.89 -10.81 -1.31
C ILE A 181 -5.51 -12.25 -1.67
N GLU A 182 -4.32 -12.44 -2.25
CA GLU A 182 -3.89 -13.78 -2.63
C GLU A 182 -3.80 -14.70 -1.40
N SER A 183 -3.44 -14.15 -0.24
CA SER A 183 -3.40 -14.93 1.00
C SER A 183 -4.77 -15.46 1.41
N GLU A 184 -5.81 -14.71 1.06
CA GLU A 184 -7.16 -15.08 1.43
C GLU A 184 -7.85 -15.90 0.36
N SER A 185 -7.60 -15.58 -0.90
CA SER A 185 -8.26 -16.24 -2.02
C SER A 185 -7.32 -16.40 -3.20
N PRO A 186 -6.40 -17.37 -3.11
CA PRO A 186 -5.38 -17.56 -4.15
C PRO A 186 -5.94 -17.95 -5.52
N LYS A 187 -7.01 -18.75 -5.56
CA LYS A 187 -7.58 -19.12 -6.84
C LYS A 187 -8.28 -17.93 -7.48
N LEU A 188 -8.84 -17.06 -6.67
CA LEU A 188 -9.47 -15.87 -7.23
C LEU A 188 -8.42 -14.97 -7.88
N ILE A 189 -7.25 -14.85 -7.27
CA ILE A 189 -6.18 -14.06 -7.84
C ILE A 189 -5.67 -14.72 -9.12
N ALA A 190 -5.55 -16.04 -9.11
CA ALA A 190 -5.16 -16.77 -10.33
C ALA A 190 -6.16 -16.53 -11.45
N TRP A 191 -7.43 -16.48 -11.09
CA TRP A 191 -8.49 -16.17 -12.05
C TRP A 191 -8.35 -14.76 -12.61
N ALA A 192 -8.07 -13.79 -11.75
CA ALA A 192 -7.92 -12.42 -12.23
C ALA A 192 -6.76 -12.33 -13.23
N LYS A 193 -5.65 -13.01 -12.94
CA LYS A 193 -4.52 -13.01 -13.86
C LYS A 193 -4.87 -13.68 -15.18
N ARG A 194 -5.59 -14.80 -15.11
CA ARG A 194 -6.08 -15.53 -16.26
C ARG A 194 -6.93 -14.63 -17.15
N CYS A 195 -7.88 -13.92 -16.58
CA CYS A 195 -8.72 -13.00 -17.34
C CYS A 195 -7.92 -11.85 -17.97
N MET A 196 -6.88 -11.40 -17.28
CA MET A 196 -6.07 -10.28 -17.78
C MET A 196 -5.32 -10.65 -19.06
N GLU A 197 -5.26 -11.94 -19.39
CA GLU A 197 -4.64 -12.37 -20.64
C GLU A 197 -5.52 -12.04 -21.84
N LYS A 198 -6.80 -11.75 -21.58
CA LYS A 198 -7.75 -11.45 -22.66
C LYS A 198 -7.68 -9.99 -23.01
N GLU A 199 -7.58 -9.67 -24.30
CA GLU A 199 -7.58 -8.28 -24.72
C GLU A 199 -8.85 -7.54 -24.30
N SER A 200 -9.98 -8.24 -24.28
CA SER A 200 -11.23 -7.57 -23.92
C SER A 200 -11.16 -7.05 -22.49
N VAL A 201 -10.34 -7.69 -21.66
CA VAL A 201 -10.21 -7.29 -20.27
C VAL A 201 -9.06 -6.28 -20.14
N SER A 202 -7.89 -6.63 -20.67
CA SER A 202 -6.74 -5.75 -20.47
C SER A 202 -6.93 -4.38 -21.13
N LYS A 203 -7.59 -4.32 -22.28
CA LYS A 203 -7.83 -3.02 -22.90
C LYS A 203 -8.91 -2.21 -22.20
N SER A 204 -9.72 -2.87 -21.37
CA SER A 204 -10.83 -2.16 -20.72
C SER A 204 -10.50 -1.66 -19.32
N LEU A 205 -9.50 -2.28 -18.69
CA LEU A 205 -9.18 -1.96 -17.29
C LEU A 205 -8.01 -0.99 -17.21
N PRO A 206 -8.19 0.14 -16.53
CA PRO A 206 -7.05 1.05 -16.37
C PRO A 206 -5.97 0.45 -15.50
N ASP A 207 -4.75 0.96 -15.66
CA ASP A 207 -3.62 0.58 -14.83
C ASP A 207 -3.99 0.69 -13.35
N SER A 208 -3.72 -0.36 -12.58
CA SER A 208 -4.08 -0.35 -11.17
C SER A 208 -3.38 0.76 -10.39
N GLU A 209 -2.20 1.19 -10.83
CA GLU A 209 -1.52 2.30 -10.16
C GLU A 209 -2.29 3.61 -10.34
N LYS A 210 -3.02 3.76 -11.44
CA LYS A 210 -3.82 4.96 -11.64
C LYS A 210 -5.03 4.91 -10.69
N ILE A 211 -5.56 3.72 -10.50
CA ILE A 211 -6.71 3.54 -9.61
C ILE A 211 -6.26 3.83 -8.17
N VAL A 212 -5.06 3.38 -7.83
CA VAL A 212 -4.50 3.70 -6.51
C VAL A 212 -4.46 5.21 -6.29
N ALA A 213 -3.98 5.94 -7.29
CA ALA A 213 -3.89 7.40 -7.20
C ALA A 213 -5.27 7.99 -7.02
N TYR A 214 -6.24 7.44 -7.73
CA TYR A 214 -7.62 7.91 -7.62
C TYR A 214 -8.16 7.72 -6.21
N ALA A 215 -7.97 6.52 -5.65
CA ALA A 215 -8.45 6.20 -4.32
C ALA A 215 -7.73 7.04 -3.29
N ALA A 216 -6.43 7.23 -3.48
CA ALA A 216 -5.62 8.02 -2.56
C ALA A 216 -6.15 9.45 -2.48
N GLU A 217 -6.47 10.01 -3.64
CA GLU A 217 -7.05 11.35 -3.72
C GLU A 217 -8.38 11.42 -3.02
N TYR A 218 -9.23 10.41 -3.23
CA TYR A 218 -10.50 10.35 -2.54
C TYR A 218 -10.32 10.40 -1.03
N ARG A 219 -9.39 9.61 -0.52
CA ARG A 219 -9.18 9.54 0.93
C ARG A 219 -8.62 10.85 1.46
N LYS A 220 -7.73 11.49 0.69
CA LYS A 220 -7.17 12.79 1.06
C LYS A 220 -8.27 13.83 1.18
N ASN A 221 -9.23 13.80 0.26
CA ASN A 221 -10.27 14.82 0.18
C ASN A 221 -11.45 14.58 1.12
N ASN A 222 -11.66 13.34 1.56
CA ASN A 222 -12.88 13.01 2.29
C ASN A 222 -12.73 12.34 3.66
N LEU A 223 -11.52 11.95 4.04
CA LEU A 223 -11.31 11.27 5.32
C LEU A 223 -10.35 12.06 6.21
N LEU B 10 36.30 17.74 17.94
CA LEU B 10 34.93 17.23 18.03
C LEU B 10 34.85 15.75 17.67
N PRO B 11 33.92 15.01 18.29
CA PRO B 11 33.69 13.62 17.89
C PRO B 11 33.35 13.57 16.41
N ILE B 12 33.87 12.57 15.72
CA ILE B 12 33.66 12.43 14.29
C ILE B 12 32.67 11.31 14.02
N LEU B 13 31.63 11.63 13.24
CA LEU B 13 30.63 10.63 12.85
C LEU B 13 30.80 10.27 11.38
N LEU B 14 31.19 9.03 11.12
CA LEU B 14 31.31 8.49 9.77
C LEU B 14 29.93 7.93 9.40
N ASP B 15 29.38 8.38 8.29
CA ASP B 15 27.95 8.14 8.04
C ASP B 15 27.71 8.05 6.54
N TYR B 16 26.45 7.89 6.16
CA TYR B 16 26.04 7.77 4.76
C TYR B 16 24.61 8.30 4.74
N TRP B 17 24.34 9.32 3.92
CA TRP B 17 23.15 10.16 4.16
C TRP B 17 21.78 9.43 4.24
N PRO B 18 21.52 8.37 3.42
CA PRO B 18 20.19 7.80 3.51
C PRO B 18 20.07 6.69 4.57
N SER B 19 21.16 6.44 5.29
CA SER B 19 21.16 5.36 6.27
C SER B 19 20.27 5.57 7.49
N MET B 20 19.23 4.75 7.63
CA MET B 20 18.38 4.77 8.83
C MET B 20 19.20 4.47 10.09
N PHE B 21 20.35 3.83 9.91
CA PHE B 21 21.20 3.47 11.05
C PHE B 21 22.06 4.65 11.47
N GLY B 22 22.77 5.26 10.52
CA GLY B 22 23.56 6.46 10.81
C GLY B 22 22.70 7.58 11.36
N MET B 23 21.48 7.70 10.83
CA MET B 23 20.58 8.72 11.33
C MET B 23 20.35 8.62 12.82
N ARG B 24 20.41 7.41 13.38
CA ARG B 24 20.21 7.27 14.81
C ARG B 24 21.27 8.01 15.61
N ALA B 25 22.51 7.94 15.11
CA ALA B 25 23.59 8.64 15.78
C ALA B 25 23.45 10.15 15.61
N ARG B 26 23.00 10.60 14.43
CA ARG B 26 22.75 12.02 14.22
C ARG B 26 21.72 12.53 15.24
N VAL B 27 20.64 11.79 15.38
CA VAL B 27 19.58 12.15 16.29
C VAL B 27 20.07 12.15 17.75
N ALA B 28 20.82 11.11 18.11
CA ALA B 28 21.30 10.95 19.47
C ALA B 28 22.21 12.11 19.86
N LEU B 29 23.16 12.43 18.98
CA LEU B 29 24.10 13.51 19.27
C LEU B 29 23.35 14.83 19.37
N ARG B 30 22.44 15.09 18.43
CA ARG B 30 21.68 16.33 18.50
C ARG B 30 20.75 16.43 19.72
N GLU B 31 20.17 15.30 20.15
CA GLU B 31 19.27 15.32 21.30
C GLU B 31 20.06 15.59 22.59
N LYS B 32 21.35 15.25 22.59
CA LYS B 32 22.24 15.64 23.70
C LYS B 32 22.78 17.06 23.62
N GLY B 33 22.68 17.68 22.46
CA GLY B 33 23.30 18.97 22.23
C GLY B 33 24.81 18.87 22.05
N VAL B 34 25.28 17.68 21.67
CA VAL B 34 26.71 17.43 21.46
C VAL B 34 27.14 17.82 20.04
N GLU B 35 28.17 18.65 19.94
CA GLU B 35 28.68 19.09 18.66
C GLU B 35 29.55 18.00 18.04
N PHE B 36 29.39 17.77 16.75
CA PHE B 36 30.14 16.71 16.10
C PHE B 36 30.44 17.07 14.65
N GLU B 37 31.42 16.39 14.08
CA GLU B 37 31.73 16.53 12.66
C GLU B 37 31.20 15.35 11.87
N TYR B 38 30.33 15.63 10.90
CA TYR B 38 29.75 14.60 10.04
C TYR B 38 30.66 14.38 8.84
N ARG B 39 30.93 13.12 8.52
CA ARG B 39 31.68 12.83 7.31
C ARG B 39 30.96 11.79 6.49
N GLU B 40 30.71 12.10 5.22
CA GLU B 40 30.04 11.19 4.30
C GLU B 40 31.01 10.15 3.73
N GLU B 41 30.75 8.87 3.98
CA GLU B 41 31.59 7.81 3.44
C GLU B 41 31.15 7.36 2.05
N ASP B 42 32.15 6.99 1.24
CA ASP B 42 31.93 6.42 -0.08
C ASP B 42 32.25 4.94 0.04
N PHE B 43 31.22 4.09 -0.06
CA PHE B 43 31.45 2.68 0.22
C PHE B 43 32.37 2.03 -0.83
N SER B 44 32.50 2.65 -2.00
CA SER B 44 33.42 2.11 -3.00
C SER B 44 34.86 2.46 -2.67
N ASN B 45 35.04 3.44 -1.79
CA ASN B 45 36.33 4.02 -1.47
C ASN B 45 36.35 4.42 0.00
N LYS B 46 36.19 3.44 0.85
CA LYS B 46 36.06 3.72 2.30
C LYS B 46 37.31 4.37 2.85
N SER B 47 37.11 5.34 3.74
CA SER B 47 38.24 6.11 4.28
C SER B 47 39.16 5.26 5.12
N PRO B 48 40.42 5.68 5.22
CA PRO B 48 41.35 5.01 6.13
C PRO B 48 40.81 4.97 7.54
N LEU B 49 40.13 6.04 7.96
CA LEU B 49 39.61 6.11 9.33
C LEU B 49 38.49 5.08 9.51
N LEU B 50 37.61 4.93 8.53
CA LEU B 50 36.55 3.92 8.65
C LEU B 50 37.15 2.52 8.71
N LEU B 51 38.13 2.25 7.84
CA LEU B 51 38.72 0.92 7.80
C LEU B 51 39.53 0.60 9.06
N GLN B 52 40.13 1.62 9.65
CA GLN B 52 40.90 1.47 10.89
C GLN B 52 39.95 1.33 12.07
N SER B 53 38.84 2.05 12.02
CA SER B 53 37.91 2.14 13.15
C SER B 53 36.96 0.95 13.28
N ASN B 54 36.48 0.47 12.14
CA ASN B 54 35.55 -0.66 12.06
C ASN B 54 36.08 -1.74 11.12
N PRO B 55 37.21 -2.37 11.48
CA PRO B 55 37.80 -3.34 10.55
C PRO B 55 36.96 -4.61 10.39
N ILE B 56 36.14 -4.92 11.39
CA ILE B 56 35.32 -6.12 11.31
C ILE B 56 34.17 -5.97 10.32
N HIS B 57 33.37 -4.93 10.47
CA HIS B 57 32.16 -4.79 9.67
C HIS B 57 32.34 -3.82 8.50
N LYS B 58 33.24 -2.86 8.67
CA LYS B 58 33.45 -1.80 7.71
C LYS B 58 32.15 -1.08 7.34
N LYS B 59 31.29 -0.90 8.34
CA LYS B 59 30.01 -0.24 8.18
C LYS B 59 29.96 1.09 8.93
N ILE B 60 29.03 1.94 8.51
CA ILE B 60 28.67 3.14 9.25
C ILE B 60 27.34 2.86 9.97
N PRO B 61 27.01 3.63 11.02
CA PRO B 61 27.79 4.71 11.62
C PRO B 61 28.98 4.25 12.45
N VAL B 62 29.99 5.12 12.52
CA VAL B 62 31.07 4.97 13.48
C VAL B 62 31.23 6.32 14.13
N LEU B 63 31.25 6.34 15.46
CA LEU B 63 31.57 7.58 16.18
C LEU B 63 32.97 7.48 16.72
N VAL B 64 33.84 8.42 16.33
CA VAL B 64 35.19 8.42 16.87
C VAL B 64 35.26 9.52 17.92
N HIS B 65 35.52 9.13 19.15
CA HIS B 65 35.46 10.07 20.27
C HIS B 65 36.68 9.90 21.16
N ASN B 66 37.41 11.01 21.37
CA ASN B 66 38.68 10.97 22.07
C ASN B 66 39.57 9.83 21.58
N GLY B 67 39.65 9.67 20.27
CA GLY B 67 40.51 8.70 19.64
C GLY B 67 40.05 7.26 19.72
N LYS B 68 38.80 7.05 20.14
CA LYS B 68 38.28 5.69 20.28
C LYS B 68 37.00 5.50 19.45
N PRO B 69 36.96 4.43 18.64
CA PRO B 69 35.84 4.20 17.75
C PRO B 69 34.68 3.45 18.40
N VAL B 70 33.47 3.93 18.17
CA VAL B 70 32.28 3.22 18.64
C VAL B 70 31.49 2.83 17.41
N CYS B 71 31.22 1.53 17.29
CA CYS B 71 30.52 0.98 16.11
C CYS B 71 29.20 0.35 16.51
N GLU B 72 28.34 0.23 15.49
CA GLU B 72 26.96 -0.27 15.54
C GLU B 72 26.03 0.80 16.09
N SER B 73 24.97 1.11 15.34
CA SER B 73 24.19 2.31 15.62
C SER B 73 23.54 2.36 17.01
N LEU B 74 22.90 1.28 17.47
CA LEU B 74 22.31 1.33 18.82
C LEU B 74 23.40 1.40 19.87
N ASN B 75 24.56 0.84 19.58
CA ASN B 75 25.68 0.90 20.51
C ASN B 75 26.16 2.34 20.61
N VAL B 76 26.21 3.03 19.48
CA VAL B 76 26.54 4.44 19.48
C VAL B 76 25.53 5.27 20.27
N VAL B 77 24.25 5.00 20.09
CA VAL B 77 23.20 5.71 20.84
C VAL B 77 23.37 5.53 22.33
N GLN B 78 23.65 4.30 22.76
CA GLN B 78 23.85 4.05 24.18
C GLN B 78 25.12 4.73 24.67
N TYR B 79 26.16 4.69 23.85
CA TYR B 79 27.44 5.36 24.21
C TYR B 79 27.21 6.85 24.42
N VAL B 80 26.46 7.46 23.52
CA VAL B 80 26.17 8.89 23.63
C VAL B 80 25.42 9.17 24.95
N ASP B 81 24.49 8.31 25.31
CA ASP B 81 23.77 8.48 26.58
C ASP B 81 24.70 8.37 27.77
N GLU B 82 25.67 7.47 27.70
CA GLU B 82 26.56 7.20 28.83
C GLU B 82 27.73 8.19 28.92
N ALA B 83 28.18 8.67 27.77
CA ALA B 83 29.34 9.59 27.75
C ALA B 83 28.92 11.03 28.04
N TRP B 84 27.65 11.32 27.84
CA TRP B 84 27.07 12.62 28.17
C TRP B 84 25.79 12.39 28.99
N PRO B 85 25.97 11.91 30.23
CA PRO B 85 24.87 11.42 31.08
C PRO B 85 24.15 12.49 31.90
N GLU B 86 24.77 13.65 32.07
CA GLU B 86 24.27 14.65 33.01
C GLU B 86 23.12 15.46 32.43
N LYS B 87 22.73 15.11 31.20
CA LYS B 87 21.73 15.85 30.44
C LYS B 87 20.93 14.94 29.52
N ASN B 88 19.63 15.21 29.39
CA ASN B 88 18.78 14.57 28.40
C ASN B 88 18.87 13.03 28.34
N PRO B 89 18.50 12.36 29.43
CA PRO B 89 18.68 10.90 29.48
C PRO B 89 17.83 10.17 28.45
N PHE B 90 18.40 9.17 27.80
CA PHE B 90 17.66 8.38 26.85
C PHE B 90 16.85 7.23 27.48
N PHE B 91 17.19 6.86 28.71
CA PHE B 91 16.59 5.71 29.40
C PHE B 91 15.94 6.11 30.70
N PRO B 92 14.94 5.35 31.15
CA PRO B 92 14.48 5.57 32.53
C PRO B 92 15.57 5.13 33.49
N SER B 93 15.42 5.46 34.78
CA SER B 93 16.47 5.21 35.74
C SER B 93 16.48 3.78 36.29
N ASP B 94 15.37 3.08 36.17
CA ASP B 94 15.24 1.77 36.79
C ASP B 94 15.63 0.63 35.85
N PRO B 95 16.16 -0.47 36.40
CA PRO B 95 16.60 -1.61 35.57
C PRO B 95 15.48 -2.20 34.71
N TYR B 96 14.26 -2.32 35.23
CA TYR B 96 13.20 -2.89 34.41
C TYR B 96 12.87 -2.00 33.20
N GLY B 97 12.75 -0.71 33.45
CA GLY B 97 12.44 0.23 32.37
C GLY B 97 13.55 0.23 31.33
N ARG B 98 14.79 0.09 31.78
CA ARG B 98 15.93 0.04 30.84
C ARG B 98 15.85 -1.24 30.03
N ALA B 99 15.46 -2.34 30.68
CA ALA B 99 15.31 -3.60 29.94
C ALA B 99 14.15 -3.56 28.94
N GLN B 100 13.05 -2.88 29.28
CA GLN B 100 11.96 -2.72 28.33
C GLN B 100 12.42 -1.94 27.09
N ALA B 101 13.16 -0.88 27.34
CA ALA B 101 13.69 -0.04 26.28
C ALA B 101 14.62 -0.86 25.39
N ARG B 102 15.50 -1.66 25.99
CA ARG B 102 16.40 -2.46 25.16
C ARG B 102 15.63 -3.52 24.36
N PHE B 103 14.59 -4.08 24.98
CA PHE B 103 13.80 -5.10 24.31
C PHE B 103 13.16 -4.53 23.05
N TRP B 104 12.55 -3.36 23.16
CA TRP B 104 11.84 -2.80 22.04
C TRP B 104 12.77 -2.25 20.96
N ALA B 105 13.92 -1.71 21.36
CA ALA B 105 14.89 -1.31 20.34
C ALA B 105 15.37 -2.55 19.59
N ASP B 106 15.49 -3.67 20.30
CA ASP B 106 15.92 -4.94 19.70
C ASP B 106 14.88 -5.41 18.68
N PHE B 107 13.62 -5.28 19.05
CA PHE B 107 12.52 -5.61 18.15
C PHE B 107 12.62 -4.79 16.86
N VAL B 108 12.86 -3.49 17.03
CA VAL B 108 13.01 -2.63 15.86
C VAL B 108 14.21 -3.04 15.01
N ASP B 109 15.30 -3.40 15.67
CA ASP B 109 16.56 -3.69 15.00
C ASP B 109 16.58 -5.04 14.32
N LYS B 110 15.67 -5.92 14.73
CA LYS B 110 15.61 -7.27 14.17
C LYS B 110 14.36 -7.44 13.32
N LYS B 111 13.20 -7.68 13.94
CA LYS B 111 12.00 -7.95 13.16
C LYS B 111 11.64 -6.81 12.21
N PHE B 112 11.64 -5.58 12.71
CA PHE B 112 11.19 -4.49 11.85
C PHE B 112 12.22 -4.21 10.75
N THR B 113 13.49 -4.12 11.14
CA THR B 113 14.57 -3.86 10.18
C THR B 113 14.64 -4.93 9.08
N ASP B 114 14.52 -6.20 9.46
CA ASP B 114 14.52 -7.26 8.45
C ASP B 114 13.35 -7.13 7.48
N ALA B 115 12.18 -6.80 8.03
CA ALA B 115 10.96 -6.71 7.23
C ALA B 115 11.03 -5.55 6.26
N GLN B 116 11.44 -4.39 6.76
CA GLN B 116 11.39 -3.21 5.89
C GLN B 116 12.38 -3.35 4.73
N PHE B 117 13.51 -3.98 4.97
CA PHE B 117 14.46 -4.15 3.88
C PHE B 117 13.87 -5.01 2.75
N LYS B 118 13.16 -6.07 3.11
CA LYS B 118 12.53 -6.89 2.07
C LYS B 118 11.47 -6.08 1.31
N VAL B 119 10.83 -5.15 2.00
CA VAL B 119 9.78 -4.36 1.36
C VAL B 119 10.33 -3.49 0.21
N TRP B 120 11.45 -2.79 0.43
CA TRP B 120 11.95 -1.93 -0.63
C TRP B 120 13.14 -2.53 -1.40
N GLY B 121 13.77 -3.55 -0.83
CA GLY B 121 15.00 -4.08 -1.41
C GLY B 121 14.85 -5.40 -2.13
N LYS B 122 13.64 -5.93 -2.13
CA LYS B 122 13.35 -7.21 -2.78
C LYS B 122 12.12 -7.15 -3.69
N LYS B 123 11.95 -8.21 -4.49
CA LYS B 123 10.75 -8.35 -5.30
C LYS B 123 10.18 -9.76 -5.11
N GLY B 124 9.05 -10.02 -5.77
CA GLY B 124 8.43 -11.33 -5.75
C GLY B 124 8.06 -11.85 -4.37
N GLU B 125 8.27 -13.14 -4.16
CA GLU B 125 7.78 -13.78 -2.95
C GLU B 125 8.49 -13.29 -1.69
N GLU B 126 9.78 -12.98 -1.80
CA GLU B 126 10.52 -12.48 -0.66
C GLU B 126 9.98 -11.12 -0.24
N GLN B 127 9.63 -10.29 -1.22
CA GLN B 127 9.04 -8.99 -0.93
C GLN B 127 7.66 -9.14 -0.29
N GLU B 128 6.88 -10.11 -0.77
CA GLU B 128 5.56 -10.33 -0.19
C GLU B 128 5.67 -10.84 1.24
N ALA B 129 6.67 -11.67 1.49
CA ALA B 129 6.96 -12.11 2.86
C ALA B 129 7.28 -10.91 3.74
N GLY B 130 8.17 -10.05 3.26
CA GLY B 130 8.55 -8.86 4.01
C GLY B 130 7.36 -7.93 4.26
N LYS B 131 6.48 -7.81 3.26
CA LYS B 131 5.25 -7.03 3.42
C LYS B 131 4.40 -7.49 4.59
N LYS B 132 4.22 -8.81 4.68
CA LYS B 132 3.42 -9.40 5.74
C LYS B 132 4.07 -9.13 7.10
N GLU B 133 5.39 -9.31 7.17
CA GLU B 133 6.13 -9.13 8.39
C GLU B 133 6.14 -7.65 8.81
N PHE B 134 6.20 -6.77 7.81
CA PHE B 134 6.25 -5.34 8.04
C PHE B 134 4.96 -4.84 8.69
N ILE B 135 3.83 -5.23 8.12
CA ILE B 135 2.56 -4.74 8.65
C ILE B 135 2.32 -5.36 10.01
N GLU B 136 2.77 -6.59 10.22
CA GLU B 136 2.66 -7.22 11.54
C GLU B 136 3.45 -6.40 12.57
N ALA B 137 4.68 -6.04 12.19
CA ALA B 137 5.54 -5.26 13.08
C ALA B 137 4.93 -3.88 13.38
N VAL B 138 4.36 -3.23 12.36
CA VAL B 138 3.69 -1.95 12.55
C VAL B 138 2.51 -2.08 13.53
N LYS B 139 1.74 -3.15 13.42
CA LYS B 139 0.65 -3.38 14.39
C LYS B 139 1.18 -3.55 15.81
N ILE B 140 2.26 -4.32 15.96
CA ILE B 140 2.86 -4.56 17.27
C ILE B 140 3.39 -3.25 17.88
N LEU B 141 4.08 -2.46 17.07
CA LEU B 141 4.62 -1.19 17.55
C LEU B 141 3.51 -0.19 17.91
N GLU B 142 2.43 -0.16 17.14
CA GLU B 142 1.30 0.69 17.48
C GLU B 142 0.73 0.30 18.85
N SER B 143 0.55 -1.00 19.07
CA SER B 143 0.05 -1.49 20.35
C SER B 143 0.97 -1.11 21.52
N GLU B 144 2.29 -1.19 21.31
CA GLU B 144 3.23 -0.86 22.37
C GLU B 144 3.22 0.64 22.66
N LEU B 145 3.13 1.47 21.61
CA LEU B 145 3.04 2.92 21.80
C LEU B 145 1.78 3.28 22.59
N GLY B 146 0.67 2.67 22.21
CA GLY B 146 -0.60 2.93 22.89
C GLY B 146 -0.97 4.39 22.74
N ASP B 147 -1.42 5.00 23.83
CA ASP B 147 -1.81 6.40 23.83
C ASP B 147 -0.72 7.35 24.32
N LYS B 148 0.48 6.82 24.55
CA LYS B 148 1.60 7.66 24.99
C LYS B 148 2.12 8.57 23.87
N PRO B 149 2.66 9.74 24.22
CA PRO B 149 3.24 10.60 23.19
C PRO B 149 4.48 9.98 22.54
N TYR B 150 5.23 9.21 23.32
CA TYR B 150 6.47 8.60 22.85
C TYR B 150 6.60 7.17 23.30
N PHE B 151 7.43 6.40 22.60
CA PHE B 151 7.76 5.06 23.11
C PHE B 151 8.43 5.14 24.48
N GLY B 152 9.18 6.21 24.72
CA GLY B 152 9.84 6.39 25.99
C GLY B 152 8.92 6.90 27.09
N GLY B 153 7.65 7.08 26.76
CA GLY B 153 6.67 7.53 27.75
C GLY B 153 6.30 8.98 27.58
N ASP B 154 6.58 9.77 28.61
CA ASP B 154 6.29 11.20 28.64
C ASP B 154 7.23 11.97 27.72
N SER B 155 8.40 11.39 27.47
CA SER B 155 9.39 12.06 26.64
C SER B 155 10.12 11.10 25.70
N PHE B 156 10.74 11.71 24.71
CA PHE B 156 11.47 11.08 23.62
C PHE B 156 12.67 10.36 24.19
N GLY B 157 12.79 9.06 23.93
CA GLY B 157 13.86 8.26 24.51
C GLY B 157 14.46 7.25 23.54
N TYR B 158 15.16 6.26 24.09
CA TYR B 158 15.95 5.31 23.29
C TYR B 158 15.15 4.60 22.19
N VAL B 159 13.98 4.09 22.53
CA VAL B 159 13.20 3.36 21.53
C VAL B 159 12.74 4.34 20.46
N ASP B 160 12.39 5.57 20.85
CA ASP B 160 12.04 6.58 19.86
C ASP B 160 13.19 6.83 18.89
N ILE B 161 14.41 6.97 19.41
CA ILE B 161 15.57 7.16 18.55
C ILE B 161 15.74 5.95 17.61
N SER B 162 15.54 4.74 18.15
CA SER B 162 15.75 3.54 17.36
C SER B 162 14.83 3.44 16.13
N LEU B 163 13.62 3.96 16.25
CA LEU B 163 12.61 3.78 15.22
C LEU B 163 12.37 5.02 14.35
N ILE B 164 12.51 6.21 14.95
CA ILE B 164 12.07 7.40 14.23
C ILE B 164 12.82 7.61 12.92
N THR B 165 14.07 7.14 12.84
CA THR B 165 14.85 7.36 11.63
C THR B 165 14.20 6.67 10.41
N PHE B 166 13.52 5.56 10.67
CA PHE B 166 12.84 4.83 9.62
C PHE B 166 11.65 5.60 9.06
N SER B 167 11.16 6.61 9.80
CA SER B 167 10.03 7.37 9.29
C SER B 167 10.42 8.14 8.03
N SER B 168 11.72 8.41 7.85
CA SER B 168 12.15 9.06 6.62
C SER B 168 11.98 8.12 5.42
N TRP B 169 11.88 6.82 5.69
CA TRP B 169 11.66 5.80 4.65
C TRP B 169 10.19 5.42 4.47
N PHE B 170 9.29 6.00 5.26
CA PHE B 170 7.88 5.56 5.23
C PHE B 170 7.26 5.73 3.83
N GLN B 171 7.54 6.85 3.16
CA GLN B 171 7.00 7.06 1.83
C GLN B 171 7.49 5.97 0.84
N ALA B 172 8.77 5.61 0.93
CA ALA B 172 9.32 4.52 0.14
C ALA B 172 8.64 3.19 0.44
N TYR B 173 8.40 2.89 1.73
CA TYR B 173 7.71 1.67 2.10
C TYR B 173 6.31 1.63 1.50
N GLU B 174 5.61 2.75 1.58
CA GLU B 174 4.25 2.80 1.09
C GLU B 174 4.21 2.66 -0.42
N LYS B 175 5.17 3.25 -1.11
CA LYS B 175 5.20 3.16 -2.57
C LYS B 175 5.56 1.75 -3.05
N PHE B 176 6.68 1.22 -2.58
CA PHE B 176 7.12 -0.06 -3.09
C PHE B 176 6.48 -1.27 -2.39
N GLY B 177 6.02 -1.07 -1.16
CA GLY B 177 5.32 -2.15 -0.47
C GLY B 177 3.81 -2.11 -0.71
N ASN B 178 3.34 -1.06 -1.35
CA ASN B 178 1.91 -0.86 -1.59
C ASN B 178 1.14 -0.83 -0.26
N PHE B 179 1.49 0.13 0.60
CA PHE B 179 0.90 0.26 1.94
C PHE B 179 0.33 1.64 2.17
N SER B 180 -0.53 1.72 3.18
CA SER B 180 -0.92 2.99 3.76
C SER B 180 -0.73 2.88 5.27
N ILE B 181 0.39 3.39 5.77
CA ILE B 181 0.71 3.19 7.17
C ILE B 181 -0.27 3.95 8.05
N GLU B 182 -0.70 5.13 7.61
CA GLU B 182 -1.68 5.89 8.38
C GLU B 182 -3.03 5.16 8.47
N SER B 183 -3.38 4.41 7.43
CA SER B 183 -4.64 3.66 7.46
C SER B 183 -4.60 2.55 8.50
N GLU B 184 -3.42 1.95 8.67
CA GLU B 184 -3.22 0.89 9.64
C GLU B 184 -3.04 1.45 11.06
N SER B 185 -2.12 2.41 11.17
CA SER B 185 -1.67 2.87 12.48
C SER B 185 -1.59 4.39 12.52
N PRO B 186 -2.74 5.05 12.66
CA PRO B 186 -2.76 6.52 12.71
C PRO B 186 -1.96 7.06 13.91
N LYS B 187 -1.91 6.35 15.02
CA LYS B 187 -1.16 6.85 16.17
C LYS B 187 0.33 6.80 15.89
N LEU B 188 0.77 5.79 15.14
CA LEU B 188 2.19 5.71 14.82
C LEU B 188 2.58 6.88 13.92
N ILE B 189 1.69 7.26 13.00
CA ILE B 189 1.97 8.39 12.12
C ILE B 189 1.94 9.71 12.90
N ALA B 190 0.99 9.84 13.83
CA ALA B 190 0.96 11.01 14.71
C ALA B 190 2.25 11.13 15.52
N TRP B 191 2.75 10.00 15.99
CA TRP B 191 4.03 9.98 16.70
C TRP B 191 5.19 10.44 15.80
N ALA B 192 5.23 9.95 14.56
CA ALA B 192 6.30 10.35 13.66
C ALA B 192 6.28 11.87 13.44
N LYS B 193 5.10 12.43 13.24
CA LYS B 193 4.96 13.88 13.07
C LYS B 193 5.40 14.66 14.32
N ARG B 194 4.99 14.15 15.47
CA ARG B 194 5.35 14.71 16.77
C ARG B 194 6.85 14.80 16.91
N CYS B 195 7.52 13.70 16.57
CA CYS B 195 8.98 13.66 16.67
C CYS B 195 9.64 14.61 15.68
N MET B 196 9.03 14.78 14.51
CA MET B 196 9.57 15.65 13.48
C MET B 196 9.54 17.12 13.86
N GLU B 197 8.83 17.46 14.94
CA GLU B 197 8.84 18.83 15.44
C GLU B 197 10.13 19.16 16.19
N LYS B 198 10.89 18.13 16.50
CA LYS B 198 12.18 18.31 17.21
C LYS B 198 13.28 18.56 16.22
N GLU B 199 14.10 19.58 16.45
CA GLU B 199 15.19 19.85 15.52
C GLU B 199 16.21 18.70 15.49
N SER B 200 16.33 17.97 16.60
CA SER B 200 17.26 16.84 16.66
C SER B 200 16.87 15.79 15.64
N VAL B 201 15.56 15.70 15.37
CA VAL B 201 15.04 14.75 14.40
C VAL B 201 14.99 15.37 13.00
N SER B 202 14.38 16.55 12.87
CA SER B 202 14.21 17.12 11.53
C SER B 202 15.54 17.44 10.84
N LYS B 203 16.55 17.86 11.61
CA LYS B 203 17.86 18.16 11.03
C LYS B 203 18.64 16.90 10.69
N SER B 204 18.21 15.77 11.23
CA SER B 204 18.95 14.52 11.04
C SER B 204 18.39 13.65 9.90
N LEU B 205 17.11 13.84 9.61
CA LEU B 205 16.42 13.00 8.63
C LEU B 205 16.32 13.68 7.28
N PRO B 206 16.72 12.99 6.21
CA PRO B 206 16.57 13.56 4.87
C PRO B 206 15.12 13.58 4.43
N ASP B 207 14.80 14.43 3.45
CA ASP B 207 13.47 14.48 2.86
C ASP B 207 13.05 13.11 2.39
N SER B 208 11.83 12.72 2.73
CA SER B 208 11.35 11.38 2.36
C SER B 208 11.29 11.22 0.86
N GLU B 209 11.11 12.32 0.12
CA GLU B 209 11.11 12.24 -1.34
C GLU B 209 12.48 11.83 -1.88
N LYS B 210 13.54 12.30 -1.24
CA LYS B 210 14.90 11.91 -1.62
C LYS B 210 15.11 10.43 -1.34
N ILE B 211 14.58 9.95 -0.21
CA ILE B 211 14.68 8.54 0.11
C ILE B 211 13.91 7.68 -0.90
N VAL B 212 12.74 8.14 -1.34
CA VAL B 212 11.99 7.41 -2.36
C VAL B 212 12.83 7.26 -3.61
N ALA B 213 13.45 8.36 -4.02
CA ALA B 213 14.34 8.37 -5.18
C ALA B 213 15.50 7.43 -5.00
N TYR B 214 16.08 7.42 -3.80
CA TYR B 214 17.15 6.49 -3.51
C TYR B 214 16.70 5.04 -3.64
N ALA B 215 15.56 4.68 -3.03
CA ALA B 215 15.07 3.31 -3.10
C ALA B 215 14.70 2.91 -4.55
N ALA B 216 14.13 3.85 -5.29
CA ALA B 216 13.77 3.60 -6.69
C ALA B 216 15.01 3.28 -7.50
N GLU B 217 16.08 4.04 -7.25
CA GLU B 217 17.34 3.80 -7.94
C GLU B 217 17.91 2.44 -7.56
N TYR B 218 17.82 2.07 -6.29
CA TYR B 218 18.30 0.77 -5.85
C TYR B 218 17.58 -0.36 -6.57
N ARG B 219 16.26 -0.24 -6.66
CA ARG B 219 15.47 -1.29 -7.28
C ARG B 219 15.80 -1.38 -8.77
N LYS B 220 16.00 -0.23 -9.40
CA LYS B 220 16.40 -0.18 -10.82
C LYS B 220 17.73 -0.89 -11.06
N ASN B 221 18.66 -0.72 -10.14
CA ASN B 221 20.02 -1.22 -10.32
C ASN B 221 20.21 -2.66 -9.86
N ASN B 222 19.28 -3.18 -9.06
CA ASN B 222 19.49 -4.49 -8.44
C ASN B 222 18.37 -5.53 -8.62
N LEU B 223 17.21 -5.13 -9.12
CA LEU B 223 16.10 -6.05 -9.26
C LEU B 223 15.59 -6.13 -10.70
N1 GSH C . -25.82 0.57 -10.32
CA1 GSH C . -25.03 1.34 -11.25
C1 GSH C . -24.51 0.44 -12.37
O11 GSH C . -24.24 -0.74 -12.10
O12 GSH C . -24.42 0.99 -13.47
CB1 GSH C . -23.87 2.03 -10.55
CG1 GSH C . -23.15 2.95 -11.50
CD1 GSH C . -22.44 4.06 -10.78
OE1 GSH C . -22.48 4.15 -9.55
N2 GSH C . -21.74 4.99 -11.56
CA2 GSH C . -21.06 6.06 -10.92
C2 GSH C . -21.69 7.35 -11.40
O2 GSH C . -22.09 7.49 -12.53
CB2 GSH C . -19.60 6.05 -11.31
SG2 GSH C . -18.79 4.60 -10.68
N3 GSH C . -21.81 8.45 -10.52
CA3 GSH C . -22.40 9.65 -11.03
C3 GSH C . -22.42 10.71 -9.95
O31 GSH C . -21.53 10.67 -9.05
O32 GSH C . -23.31 11.60 -9.98
N1 GSH D . 23.76 -3.02 12.35
CA1 GSH D . 24.37 -1.85 11.76
C1 GSH D . 24.09 -0.65 12.64
O11 GSH D . 24.97 0.24 12.63
O12 GSH D . 23.00 -0.65 13.28
CB1 GSH D . 23.87 -1.64 10.34
CG1 GSH D . 24.59 -0.50 9.63
CD1 GSH D . 24.58 -0.61 8.14
OE1 GSH D . 24.06 -1.56 7.55
N2 GSH D . 25.19 0.43 7.42
CA2 GSH D . 25.23 0.40 5.99
C2 GSH D . 26.67 0.30 5.58
O2 GSH D . 27.53 0.86 6.23
CB2 GSH D . 24.67 1.68 5.44
SG2 GSH D . 22.94 1.77 5.83
N3 GSH D . 27.04 -0.45 4.45
CA3 GSH D . 28.41 -0.52 4.08
C3 GSH D . 28.55 -1.24 2.76
O31 GSH D . 29.70 -1.47 2.30
O32 GSH D . 27.49 -1.58 2.16
#